data_4YMI
#
_entry.id   4YMI
#
_cell.length_a   63.290
_cell.length_b   115.240
_cell.length_c   56.760
_cell.angle_alpha   90.00
_cell.angle_beta   90.00
_cell.angle_gamma   90.00
#
_symmetry.space_group_name_H-M   'P 21 21 2'
#
loop_
_entity.id
_entity.type
_entity.pdbx_description
1 polymer 'Probable nicotinate-nucleotide adenylyltransferase'
2 non-polymer 'NADP NICOTINAMIDE-ADENINE-DINUCLEOTIDE PHOSPHATE'
3 non-polymer ADENINE
4 water water
#
_entity_poly.entity_id   1
_entity_poly.type   'polypeptide(L)'
_entity_poly.pdbx_seq_one_letter_code
;MAHHHHHHMGTLEAQTQGPGSMVQSERRRLGVMGGTFDPIHNGHLVAASEVADRFALDEVIFVPTGQPWQKQGRKVSPAE
HRYLMTVIATASNPRFTVSRADIDRGGATYTVDTLTDLRTAHPDADLYFITGADALASILSWENWEQLFTLAKFIGVSRP
GYELSSDHIAHAELPPDGLSLVEVPALAISSTDCRIRAGQARPIWYLVPDGVVQYVAKHRLYSGNKGNQGGLA
;
_entity_poly.pdbx_strand_id   A,B
#
# COMPACT_ATOMS: atom_id res chain seq x y z
N ARG A 27 18.63 -4.11 28.42
CA ARG A 27 17.41 -3.36 28.69
C ARG A 27 16.36 -3.58 27.62
N ARG A 28 15.11 -3.32 27.98
CA ARG A 28 14.00 -3.43 27.04
C ARG A 28 13.96 -2.22 26.13
N ARG A 29 13.67 -2.44 24.84
CA ARG A 29 13.65 -1.36 23.86
C ARG A 29 12.24 -1.11 23.34
N LEU A 30 11.72 0.10 23.58
CA LEU A 30 10.34 0.42 23.22
C LEU A 30 10.23 1.52 22.17
N GLY A 31 9.56 1.20 21.07
CA GLY A 31 9.20 2.21 20.09
C GLY A 31 8.01 3.03 20.54
N VAL A 32 8.03 4.33 20.25
CA VAL A 32 6.92 5.20 20.55
C VAL A 32 6.49 5.88 19.26
N MET A 33 5.40 5.39 18.68
CA MET A 33 4.95 5.83 17.37
C MET A 33 3.91 6.94 17.52
N GLY A 34 4.35 8.20 17.39
CA GLY A 34 3.47 9.33 17.63
C GLY A 34 2.93 9.96 16.37
N GLY A 35 1.64 10.24 16.36
CA GLY A 35 1.00 10.84 15.21
C GLY A 35 -0.48 11.11 15.46
N THR A 36 -1.08 11.98 14.67
CA THR A 36 -2.50 12.30 14.81
C THR A 36 -3.38 11.15 14.31
N PHE A 37 -2.92 10.45 13.27
CA PHE A 37 -3.58 9.22 12.79
C PHE A 37 -5.06 9.43 12.44
N ASP A 38 -5.29 10.33 11.49
CA ASP A 38 -6.66 10.73 11.10
C ASP A 38 -6.86 10.63 9.57
N PRO A 39 -6.91 9.40 9.03
CA PRO A 39 -6.86 8.13 9.76
C PRO A 39 -5.46 7.49 9.79
N ILE A 40 -5.27 6.54 10.70
CA ILE A 40 -4.18 5.56 10.62
C ILE A 40 -4.28 4.87 9.27
N HIS A 41 -3.15 4.55 8.64
CA HIS A 41 -3.18 3.87 7.34
C HIS A 41 -2.04 2.86 7.21
N ASN A 42 -2.05 2.08 6.14
CA ASN A 42 -1.07 1.00 5.99
C ASN A 42 0.38 1.52 5.95
N GLY A 43 0.56 2.77 5.53
CA GLY A 43 1.89 3.35 5.51
C GLY A 43 2.48 3.46 6.92
N HIS A 44 1.64 3.87 7.89
CA HIS A 44 2.08 3.95 9.29
C HIS A 44 2.49 2.57 9.78
N LEU A 45 1.70 1.56 9.43
CA LEU A 45 1.97 0.22 9.94
C LEU A 45 3.26 -0.33 9.33
N VAL A 46 3.44 -0.14 8.02
CA VAL A 46 4.69 -0.51 7.38
C VAL A 46 5.89 0.14 8.08
N ALA A 47 5.79 1.44 8.33
CA ALA A 47 6.92 2.18 8.91
C ALA A 47 7.26 1.65 10.31
N ALA A 48 6.24 1.43 11.14
CA ALA A 48 6.49 0.91 12.48
C ALA A 48 7.12 -0.48 12.43
N SER A 49 6.66 -1.31 11.51
CA SER A 49 7.20 -2.67 11.39
C SER A 49 8.67 -2.64 10.98
N GLU A 50 9.02 -1.77 10.04
CA GLU A 50 10.42 -1.67 9.60
C GLU A 50 11.34 -1.15 10.71
N VAL A 51 10.89 -0.11 11.41
CA VAL A 51 11.72 0.47 12.45
C VAL A 51 11.93 -0.55 13.58
N ALA A 52 10.88 -1.28 13.94
CA ALA A 52 11.02 -2.24 15.03
C ALA A 52 12.03 -3.32 14.67
N ASP A 53 12.01 -3.74 13.41
CA ASP A 53 12.96 -4.75 12.98
C ASP A 53 14.38 -4.19 12.91
N ARG A 54 14.52 -3.01 12.31
CA ARG A 54 15.83 -2.41 12.12
C ARG A 54 16.55 -2.06 13.44
N PHE A 55 15.80 -1.62 14.44
CA PHE A 55 16.40 -1.22 15.72
C PHE A 55 16.17 -2.24 16.84
N ALA A 56 15.69 -3.43 16.46
CA ALA A 56 15.47 -4.53 17.39
C ALA A 56 14.62 -4.10 18.58
N LEU A 57 13.49 -3.46 18.28
CA LEU A 57 12.57 -3.01 19.33
C LEU A 57 11.70 -4.15 19.81
N ASP A 58 11.51 -4.25 21.12
CA ASP A 58 10.69 -5.32 21.69
C ASP A 58 9.20 -5.08 21.48
N GLU A 59 8.84 -3.82 21.36
CA GLU A 59 7.43 -3.41 21.29
C GLU A 59 7.36 -2.02 20.66
N VAL A 60 6.26 -1.73 19.97
CA VAL A 60 6.00 -0.36 19.49
C VAL A 60 4.66 0.13 20.07
N ILE A 61 4.72 1.22 20.83
CA ILE A 61 3.52 1.81 21.41
C ILE A 61 3.03 2.96 20.54
N PHE A 62 1.84 2.83 19.95
CA PHE A 62 1.30 3.91 19.13
C PHE A 62 0.62 4.91 20.06
N VAL A 63 0.88 6.19 19.85
CA VAL A 63 0.28 7.24 20.67
C VAL A 63 -0.41 8.30 19.80
N PRO A 64 -1.73 8.19 19.65
CA PRO A 64 -2.50 9.23 18.95
C PRO A 64 -2.40 10.57 19.67
N THR A 65 -2.12 11.63 18.91
CA THR A 65 -1.95 12.98 19.47
CA THR A 65 -1.98 12.98 19.47
C THR A 65 -3.27 13.55 20.02
N GLY A 66 -3.18 14.36 21.05
CA GLY A 66 -4.36 15.10 21.48
C GLY A 66 -4.60 16.17 20.43
N GLN A 67 -5.86 16.46 20.13
CA GLN A 67 -6.19 17.51 19.15
C GLN A 67 -7.50 18.21 19.47
N PRO A 68 -7.55 19.54 19.25
CA PRO A 68 -8.77 20.34 19.43
C PRO A 68 -9.81 20.08 18.34
N ARG A 74 -9.31 23.01 9.16
CA ARG A 74 -8.88 21.64 9.38
C ARG A 74 -9.59 21.03 10.60
N LYS A 75 -10.69 20.35 10.34
CA LYS A 75 -11.48 19.70 11.40
C LYS A 75 -10.94 18.31 11.70
N VAL A 76 -10.32 18.16 12.85
CA VAL A 76 -9.74 16.88 13.26
C VAL A 76 -10.81 15.98 13.85
N SER A 77 -10.84 14.71 13.43
CA SER A 77 -11.76 13.73 14.02
C SER A 77 -11.58 13.69 15.54
N PRO A 78 -12.69 13.54 16.28
CA PRO A 78 -12.63 13.40 17.73
C PRO A 78 -11.61 12.33 18.15
N ALA A 79 -10.93 12.60 19.26
CA ALA A 79 -9.84 11.75 19.71
C ALA A 79 -10.26 10.30 19.92
N GLU A 80 -11.48 10.05 20.38
CA GLU A 80 -11.92 8.67 20.59
C GLU A 80 -11.91 7.89 19.28
N HIS A 81 -12.38 8.50 18.20
CA HIS A 81 -12.36 7.85 16.88
C HIS A 81 -10.93 7.54 16.42
N ARG A 82 -10.00 8.47 16.60
CA ARG A 82 -8.64 8.24 16.15
C ARG A 82 -7.97 7.15 16.99
N TYR A 83 -8.26 7.12 18.27
CA TYR A 83 -7.75 6.09 19.16
C TYR A 83 -8.29 4.71 18.73
N LEU A 84 -9.60 4.62 18.56
CA LEU A 84 -10.19 3.35 18.17
C LEU A 84 -9.69 2.85 16.81
N MET A 85 -9.52 3.74 15.83
CA MET A 85 -9.00 3.31 14.53
C MET A 85 -7.58 2.74 14.69
N THR A 86 -6.79 3.37 15.55
CA THR A 86 -5.43 2.91 15.78
C THR A 86 -5.40 1.55 16.50
N VAL A 87 -6.31 1.35 17.45
CA VAL A 87 -6.46 0.04 18.09
C VAL A 87 -6.85 -1.04 17.08
N ILE A 88 -7.83 -0.73 16.21
CA ILE A 88 -8.28 -1.67 15.18
C ILE A 88 -7.12 -2.03 14.26
N ALA A 89 -6.36 -1.02 13.87
CA ALA A 89 -5.28 -1.22 12.90
C ALA A 89 -4.12 -2.05 13.44
N THR A 90 -3.86 -1.94 14.75
CA THR A 90 -2.69 -2.58 15.37
C THR A 90 -2.99 -3.87 16.12
N ALA A 91 -4.26 -4.23 16.24
CA ALA A 91 -4.66 -5.35 17.09
C ALA A 91 -3.93 -6.65 16.74
N SER A 92 -3.85 -6.96 15.45
CA SER A 92 -3.28 -8.24 15.02
C SER A 92 -1.76 -8.39 15.20
N ASN A 93 -1.06 -7.29 15.49
CA ASN A 93 0.39 -7.39 15.69
C ASN A 93 0.73 -7.64 17.16
N PRO A 94 1.35 -8.81 17.48
CA PRO A 94 1.68 -9.12 18.87
C PRO A 94 2.61 -8.10 19.53
N ARG A 95 3.33 -7.32 18.73
CA ARG A 95 4.28 -6.36 19.31
C ARG A 95 3.86 -4.90 19.16
N PHE A 96 2.64 -4.65 18.72
CA PHE A 96 2.10 -3.28 18.70
C PHE A 96 1.05 -3.11 19.79
N THR A 97 1.03 -1.94 20.41
CA THR A 97 -0.02 -1.59 21.38
CA THR A 97 -0.09 -1.60 21.29
C THR A 97 -0.37 -0.11 21.18
N VAL A 98 -1.40 0.38 21.86
CA VAL A 98 -1.83 1.78 21.72
C VAL A 98 -1.94 2.41 23.09
N SER A 99 -1.43 3.63 23.23
CA SER A 99 -1.54 4.38 24.50
C SER A 99 -2.46 5.59 24.37
N ARG A 100 -3.26 5.83 25.39
CA ARG A 100 -4.13 7.02 25.51
C ARG A 100 -3.41 8.22 26.13
N ALA A 101 -2.10 8.14 26.31
CA ALA A 101 -1.41 9.12 27.16
C ALA A 101 -1.59 10.57 26.68
N ASP A 102 -1.54 10.80 25.37
CA ASP A 102 -1.70 12.17 24.86
C ASP A 102 -3.16 12.62 24.87
N ILE A 103 -4.09 11.74 24.46
CA ILE A 103 -5.48 12.19 24.37
C ILE A 103 -6.10 12.37 25.76
N ASP A 104 -5.57 11.67 26.76
CA ASP A 104 -6.12 11.80 28.12
C ASP A 104 -5.46 12.86 28.99
N ARG A 105 -4.36 13.44 28.52
CA ARG A 105 -3.66 14.46 29.30
C ARG A 105 -4.51 15.72 29.39
N GLY A 106 -5.22 16.01 28.31
CA GLY A 106 -6.02 17.22 28.23
C GLY A 106 -5.20 18.39 27.71
N GLY A 107 -5.74 19.10 26.74
CA GLY A 107 -5.05 20.23 26.14
C GLY A 107 -4.02 19.78 25.11
N ALA A 108 -3.20 20.72 24.67
CA ALA A 108 -2.25 20.49 23.60
C ALA A 108 -1.21 19.42 23.94
N THR A 109 -0.80 18.65 22.94
CA THR A 109 0.25 17.65 23.10
C THR A 109 1.66 18.20 22.89
N TYR A 110 2.51 17.99 23.89
CA TYR A 110 3.95 18.25 23.78
C TYR A 110 4.69 16.92 23.96
N THR A 111 5.59 16.59 23.05
CA THR A 111 6.24 15.27 23.10
C THR A 111 7.09 15.09 24.37
N VAL A 112 7.59 16.17 24.96
CA VAL A 112 8.32 16.03 26.20
C VAL A 112 7.39 15.43 27.27
N ASP A 113 6.10 15.78 27.21
CA ASP A 113 5.11 15.21 28.12
C ASP A 113 4.83 13.75 27.78
N THR A 114 4.75 13.45 26.48
CA THR A 114 4.53 12.09 26.01
C THR A 114 5.64 11.18 26.56
N LEU A 115 6.89 11.61 26.38
CA LEU A 115 8.03 10.80 26.79
C LEU A 115 8.20 10.72 28.31
N THR A 116 7.90 11.81 29.01
CA THR A 116 7.93 11.80 30.47
C THR A 116 6.92 10.78 30.99
N ASP A 117 5.71 10.79 30.41
CA ASP A 117 4.67 9.84 30.79
C ASP A 117 5.10 8.39 30.57
N LEU A 118 5.71 8.13 29.43
CA LEU A 118 6.11 6.77 29.10
C LEU A 118 7.35 6.33 29.88
N ARG A 119 8.21 7.28 30.22
CA ARG A 119 9.38 6.98 31.05
C ARG A 119 8.93 6.52 32.43
N THR A 120 7.89 7.14 32.96
CA THR A 120 7.31 6.77 34.24
C THR A 120 6.68 5.38 34.16
N ALA A 121 5.96 5.14 33.05
CA ALA A 121 5.26 3.89 32.85
C ALA A 121 6.21 2.73 32.57
N HIS A 122 7.38 3.04 32.01
CA HIS A 122 8.38 2.02 31.70
C HIS A 122 9.76 2.52 32.12
N PRO A 123 10.04 2.51 33.43
CA PRO A 123 11.24 3.13 34.00
C PRO A 123 12.58 2.54 33.52
N ASP A 124 12.59 1.27 33.13
CA ASP A 124 13.84 0.62 32.75
C ASP A 124 13.87 0.26 31.27
N ALA A 125 13.28 1.11 30.44
CA ALA A 125 13.24 0.87 29.00
C ALA A 125 13.95 1.99 28.25
N ASP A 126 14.72 1.62 27.23
CA ASP A 126 15.24 2.60 26.28
C ASP A 126 14.14 2.97 25.29
N LEU A 127 13.82 4.25 25.21
CA LEU A 127 12.72 4.71 24.35
C LEU A 127 13.23 5.20 23.00
N TYR A 128 12.48 4.87 21.94
CA TYR A 128 12.76 5.34 20.60
C TYR A 128 11.51 6.01 20.03
N PHE A 129 11.52 7.33 19.93
CA PHE A 129 10.37 8.08 19.44
C PHE A 129 10.39 8.15 17.90
N ILE A 130 9.28 7.71 17.29
CA ILE A 130 9.17 7.55 15.84
C ILE A 130 8.03 8.43 15.30
N THR A 131 8.33 9.29 14.31
CA THR A 131 7.25 9.99 13.63
C THR A 131 7.72 10.48 12.27
N GLY A 132 6.85 11.18 11.54
CA GLY A 132 7.20 11.61 10.18
C GLY A 132 8.40 12.54 10.22
N ALA A 133 9.30 12.39 9.26
CA ALA A 133 10.52 13.20 9.25
C ALA A 133 10.21 14.69 9.12
N ASP A 134 9.13 15.03 8.41
CA ASP A 134 8.72 16.41 8.25
C ASP A 134 8.32 17.03 9.59
N ALA A 135 7.76 16.22 10.49
CA ALA A 135 7.44 16.71 11.82
C ALA A 135 8.71 16.92 12.61
N LEU A 136 9.58 15.92 12.61
CA LEU A 136 10.80 15.96 13.40
C LEU A 136 11.80 17.03 12.93
N ALA A 137 11.62 17.54 11.72
CA ALA A 137 12.51 18.60 11.22
C ALA A 137 12.45 19.85 12.10
N SER A 138 11.33 20.05 12.78
CA SER A 138 11.18 21.24 13.62
C SER A 138 11.39 20.94 15.10
N ILE A 139 12.07 19.84 15.43
CA ILE A 139 12.17 19.42 16.84
C ILE A 139 12.85 20.46 17.73
N LEU A 140 13.77 21.25 17.17
CA LEU A 140 14.42 22.25 17.99
C LEU A 140 13.44 23.37 18.39
N SER A 141 12.29 23.41 17.73
CA SER A 141 11.24 24.38 18.06
C SER A 141 10.17 23.76 18.98
N TRP A 142 10.29 22.47 19.23
CA TRP A 142 9.37 21.81 20.16
C TRP A 142 9.71 22.22 21.59
N GLU A 143 8.74 22.11 22.49
CA GLU A 143 8.95 22.47 23.87
C GLU A 143 10.03 21.60 24.52
N ASN A 144 10.99 22.24 25.18
CA ASN A 144 12.01 21.55 25.98
C ASN A 144 12.80 20.52 25.18
N TRP A 145 13.41 20.93 24.07
CA TRP A 145 14.19 20.00 23.25
C TRP A 145 15.36 19.43 24.03
N GLU A 146 15.88 20.19 25.00
CA GLU A 146 16.98 19.72 25.83
C GLU A 146 16.59 18.42 26.55
N GLN A 147 15.39 18.39 27.11
CA GLN A 147 14.94 17.20 27.82
C GLN A 147 14.55 16.09 26.84
N LEU A 148 13.96 16.45 25.70
CA LEU A 148 13.64 15.45 24.67
C LEU A 148 14.84 14.55 24.37
N PHE A 149 16.02 15.15 24.18
CA PHE A 149 17.15 14.33 23.76
C PHE A 149 17.81 13.56 24.91
N THR A 150 17.35 13.76 26.14
CA THR A 150 17.82 12.93 27.24
C THR A 150 16.86 11.75 27.48
N LEU A 151 15.62 11.89 27.01
CA LEU A 151 14.57 10.92 27.31
C LEU A 151 14.49 9.79 26.29
N ALA A 152 14.92 10.06 25.06
CA ALA A 152 14.76 9.07 24.01
C ALA A 152 15.72 9.31 22.86
N LYS A 153 15.85 8.29 22.02
CA LYS A 153 16.44 8.43 20.71
C LYS A 153 15.33 8.72 19.70
N PHE A 154 15.66 9.44 18.65
CA PHE A 154 14.62 9.88 17.72
C PHE A 154 14.82 9.31 16.33
N ILE A 155 13.72 8.81 15.78
CA ILE A 155 13.71 8.19 14.45
C ILE A 155 12.67 8.86 13.58
N GLY A 156 13.11 9.50 12.50
CA GLY A 156 12.18 10.06 11.55
C GLY A 156 11.97 9.18 10.33
N VAL A 157 10.72 8.88 10.02
CA VAL A 157 10.40 8.05 8.87
C VAL A 157 9.89 8.93 7.74
N SER A 158 10.37 8.69 6.53
CA SER A 158 10.03 9.54 5.41
C SER A 158 9.73 8.72 4.17
N ARG A 159 9.02 9.31 3.22
CA ARG A 159 8.87 8.67 1.92
C ARG A 159 10.15 8.95 1.14
N PRO A 160 10.54 8.05 0.23
CA PRO A 160 11.78 8.26 -0.54
C PRO A 160 11.73 9.56 -1.35
N GLY A 161 12.88 10.19 -1.54
CA GLY A 161 12.96 11.49 -2.15
C GLY A 161 13.27 12.54 -1.09
N TYR A 162 13.27 12.11 0.17
CA TYR A 162 13.53 13.02 1.28
C TYR A 162 15.00 13.37 1.38
N GLY A 178 21.55 10.90 18.18
CA GLY A 178 20.52 11.91 18.21
C GLY A 178 19.27 11.55 17.43
N LEU A 179 19.33 11.77 16.11
CA LEU A 179 18.21 11.49 15.21
C LEU A 179 18.62 10.66 13.99
N SER A 180 17.91 9.55 13.76
CA SER A 180 18.13 8.69 12.60
C SER A 180 16.98 8.84 11.61
N LEU A 181 17.27 8.72 10.32
CA LEU A 181 16.24 8.79 9.31
C LEU A 181 16.06 7.44 8.63
N VAL A 182 14.82 7.03 8.49
CA VAL A 182 14.49 5.76 7.83
C VAL A 182 13.51 5.99 6.68
N GLU A 183 13.91 5.63 5.46
CA GLU A 183 13.03 5.81 4.31
C GLU A 183 12.06 4.64 4.16
N VAL A 184 10.78 4.98 3.96
CA VAL A 184 9.71 3.99 3.89
C VAL A 184 8.84 4.25 2.64
N PRO A 185 9.04 3.46 1.57
CA PRO A 185 8.26 3.65 0.34
C PRO A 185 6.74 3.72 0.56
N ALA A 186 6.20 2.89 1.45
CA ALA A 186 4.76 2.90 1.72
C ALA A 186 4.19 4.21 2.28
N LEU A 187 5.06 5.13 2.75
CA LEU A 187 4.56 6.41 3.29
C LEU A 187 4.19 7.38 2.16
N ALA A 188 4.26 6.91 0.92
CA ALA A 188 3.59 7.63 -0.17
C ALA A 188 2.09 7.72 0.12
N ILE A 189 1.57 6.73 0.85
CA ILE A 189 0.19 6.78 1.36
C ILE A 189 0.12 7.82 2.47
N SER A 190 -0.82 8.75 2.38
CA SER A 190 -0.93 9.80 3.39
C SER A 190 -2.33 9.86 3.95
N SER A 191 -2.46 10.31 5.20
CA SER A 191 -3.79 10.45 5.79
C SER A 191 -4.59 11.53 5.06
N THR A 192 -3.93 12.58 4.58
CA THR A 192 -4.64 13.61 3.83
C THR A 192 -5.33 13.05 2.59
N ASP A 193 -4.64 12.20 1.83
CA ASP A 193 -5.25 11.64 0.64
CA ASP A 193 -5.20 11.57 0.64
C ASP A 193 -6.41 10.72 1.00
N CYS A 194 -6.28 9.98 2.10
CA CYS A 194 -7.38 9.12 2.55
C CYS A 194 -8.63 9.97 2.86
N ARG A 195 -8.46 11.11 3.53
CA ARG A 195 -9.60 11.96 3.87
C ARG A 195 -10.27 12.55 2.65
N ILE A 196 -9.46 12.96 1.69
CA ILE A 196 -9.96 13.56 0.46
C ILE A 196 -10.82 12.55 -0.28
N ARG A 197 -10.31 11.33 -0.39
CA ARG A 197 -11.00 10.27 -1.12
C ARG A 197 -12.32 9.95 -0.44
N ALA A 198 -12.29 9.79 0.87
CA ALA A 198 -13.48 9.43 1.62
C ALA A 198 -14.55 10.52 1.43
N GLY A 199 -14.12 11.77 1.46
CA GLY A 199 -15.03 12.88 1.28
C GLY A 199 -15.67 12.90 -0.09
N GLN A 200 -14.96 12.37 -1.09
CA GLN A 200 -15.43 12.39 -2.47
C GLN A 200 -16.14 11.09 -2.81
N ALA A 201 -16.42 10.28 -1.78
CA ALA A 201 -17.01 8.96 -1.95
C ALA A 201 -16.17 8.08 -2.88
N ARG A 202 -14.85 8.22 -2.80
CA ARG A 202 -13.93 7.33 -3.53
C ARG A 202 -13.33 6.30 -2.56
N PRO A 203 -12.99 5.10 -3.05
CA PRO A 203 -12.55 4.01 -2.17
C PRO A 203 -11.22 4.25 -1.44
N ILE A 204 -11.12 3.78 -0.20
CA ILE A 204 -9.86 3.80 0.52
C ILE A 204 -9.46 2.38 0.94
N TRP A 205 -10.12 1.38 0.35
CA TRP A 205 -9.67 0.00 0.46
C TRP A 205 -8.18 -0.11 0.15
N TYR A 206 -7.46 -0.88 0.96
CA TYR A 206 -6.04 -1.26 0.76
C TYR A 206 -5.07 -0.14 1.11
N LEU A 207 -5.53 1.11 1.08
CA LEU A 207 -4.76 2.23 1.62
C LEU A 207 -4.76 2.18 3.14
N VAL A 208 -5.91 1.78 3.67
CA VAL A 208 -6.24 1.80 5.07
C VAL A 208 -6.62 0.36 5.45
N PRO A 209 -6.27 -0.08 6.67
CA PRO A 209 -6.50 -1.49 6.98
C PRO A 209 -7.97 -1.86 7.00
N ASP A 210 -8.24 -3.14 6.77
CA ASP A 210 -9.60 -3.61 6.92
C ASP A 210 -10.04 -3.26 8.33
N GLY A 211 -11.32 -2.99 8.51
CA GLY A 211 -11.83 -2.61 9.82
C GLY A 211 -11.84 -1.11 9.94
N VAL A 212 -10.69 -0.50 9.67
CA VAL A 212 -10.62 0.96 9.65
C VAL A 212 -11.44 1.54 8.47
N VAL A 213 -11.36 0.92 7.29
CA VAL A 213 -12.19 1.36 6.15
C VAL A 213 -13.67 1.44 6.52
N GLN A 214 -14.19 0.35 7.10
CA GLN A 214 -15.60 0.33 7.40
C GLN A 214 -15.93 1.25 8.58
N TYR A 215 -14.98 1.42 9.50
CA TYR A 215 -15.18 2.30 10.65
C TYR A 215 -15.36 3.74 10.16
N VAL A 216 -14.46 4.16 9.27
CA VAL A 216 -14.52 5.49 8.66
C VAL A 216 -15.88 5.74 8.02
N ALA A 217 -16.37 4.79 7.24
CA ALA A 217 -17.61 5.00 6.51
C ALA A 217 -18.84 5.03 7.43
N LYS A 218 -18.90 4.11 8.38
CA LYS A 218 -20.13 3.99 9.15
C LYS A 218 -20.27 5.11 10.18
N HIS A 219 -19.15 5.76 10.51
CA HIS A 219 -19.17 6.91 11.40
C HIS A 219 -19.09 8.23 10.62
N ARG A 220 -19.13 8.13 9.30
CA ARG A 220 -19.11 9.27 8.39
CA ARG A 220 -19.13 9.28 8.39
C ARG A 220 -18.03 10.29 8.74
N LEU A 221 -16.84 9.81 9.06
CA LEU A 221 -15.77 10.70 9.54
C LEU A 221 -15.37 11.84 8.59
N TYR A 222 -15.36 11.58 7.30
CA TYR A 222 -14.85 12.60 6.38
C TYR A 222 -15.85 12.92 5.29
N SER A 223 -16.92 12.13 5.22
CA SER A 223 -17.98 12.36 4.27
C SER A 223 -19.01 13.30 4.88
N GLY A 224 -18.98 14.56 4.46
CA GLY A 224 -19.86 15.57 4.99
C GLY A 224 -19.16 16.47 5.99
N GLU B 26 -26.79 -1.27 -21.52
CA GLU B 26 -25.54 -0.86 -20.89
C GLU B 26 -24.52 -1.99 -20.92
N ARG B 27 -23.47 -1.80 -21.72
CA ARG B 27 -22.41 -2.80 -21.81
C ARG B 27 -21.63 -2.88 -20.50
N ARG B 28 -21.20 -4.08 -20.15
CA ARG B 28 -20.39 -4.28 -18.95
C ARG B 28 -18.99 -3.73 -19.21
N ARG B 29 -18.41 -3.08 -18.21
CA ARG B 29 -17.06 -2.55 -18.31
C ARG B 29 -16.10 -3.35 -17.43
N LEU B 30 -15.15 -4.05 -18.05
CA LEU B 30 -14.26 -4.94 -17.31
C LEU B 30 -12.79 -4.52 -17.34
N GLY B 31 -12.22 -4.36 -16.14
CA GLY B 31 -10.78 -4.20 -16.01
C GLY B 31 -10.08 -5.54 -16.13
N VAL B 32 -8.93 -5.53 -16.81
CA VAL B 32 -8.10 -6.72 -16.94
C VAL B 32 -6.75 -6.38 -16.36
N MET B 33 -6.47 -6.86 -15.15
CA MET B 33 -5.30 -6.45 -14.40
C MET B 33 -4.17 -7.48 -14.61
N GLY B 34 -3.26 -7.19 -15.53
CA GLY B 34 -2.21 -8.13 -15.87
C GLY B 34 -0.90 -7.90 -15.13
N GLY B 35 -0.35 -8.95 -14.55
CA GLY B 35 0.92 -8.82 -13.84
C GLY B 35 1.49 -10.18 -13.48
N THR B 36 2.78 -10.23 -13.19
CA THR B 36 3.39 -11.48 -12.72
C THR B 36 3.02 -11.75 -11.24
N PHE B 37 2.92 -10.68 -10.43
CA PHE B 37 2.44 -10.77 -9.05
C PHE B 37 3.28 -11.77 -8.22
N ASP B 38 4.57 -11.45 -8.08
CA ASP B 38 5.51 -12.32 -7.38
C ASP B 38 6.25 -11.56 -6.27
N PRO B 39 5.54 -11.20 -5.18
CA PRO B 39 4.13 -11.41 -4.86
C PRO B 39 3.20 -10.26 -5.24
N ILE B 40 1.92 -10.57 -5.31
CA ILE B 40 0.90 -9.54 -5.29
C ILE B 40 1.08 -8.77 -3.97
N HIS B 41 0.89 -7.45 -4.03
CA HIS B 41 1.03 -6.65 -2.83
C HIS B 41 -0.04 -5.55 -2.77
N ASN B 42 -0.06 -4.79 -1.68
CA ASN B 42 -1.15 -3.83 -1.48
C ASN B 42 -1.13 -2.71 -2.50
N GLY B 43 0.04 -2.45 -3.10
CA GLY B 43 0.13 -1.49 -4.19
C GLY B 43 -0.71 -1.90 -5.39
N HIS B 44 -0.62 -3.16 -5.80
CA HIS B 44 -1.46 -3.66 -6.89
C HIS B 44 -2.94 -3.49 -6.56
N LEU B 45 -3.32 -3.80 -5.32
CA LEU B 45 -4.73 -3.77 -4.95
C LEU B 45 -5.26 -2.33 -4.93
N VAL B 46 -4.47 -1.41 -4.39
CA VAL B 46 -4.83 0.00 -4.42
C VAL B 46 -5.04 0.44 -5.87
N ALA B 47 -4.11 0.07 -6.74
CA ALA B 47 -4.17 0.51 -8.14
C ALA B 47 -5.45 0.02 -8.83
N ALA B 48 -5.79 -1.25 -8.65
CA ALA B 48 -6.99 -1.79 -9.29
C ALA B 48 -8.27 -1.12 -8.77
N SER B 49 -8.29 -0.87 -7.46
CA SER B 49 -9.44 -0.25 -6.83
C SER B 49 -9.61 1.19 -7.34
N GLU B 50 -8.51 1.92 -7.45
CA GLU B 50 -8.54 3.28 -7.97
C GLU B 50 -9.03 3.36 -9.42
N VAL B 51 -8.48 2.49 -10.26
CA VAL B 51 -8.82 2.50 -11.67
C VAL B 51 -10.29 2.09 -11.85
N ALA B 52 -10.73 1.09 -11.11
CA ALA B 52 -12.14 0.66 -11.20
C ALA B 52 -13.08 1.82 -10.91
N ASP B 53 -12.74 2.63 -9.91
CA ASP B 53 -13.60 3.75 -9.55
C ASP B 53 -13.53 4.86 -10.60
N ARG B 54 -12.31 5.19 -11.02
CA ARG B 54 -12.11 6.29 -11.96
C ARG B 54 -12.72 6.03 -13.34
N PHE B 55 -12.71 4.78 -13.77
CA PHE B 55 -13.22 4.44 -15.10
C PHE B 55 -14.56 3.72 -15.05
N ALA B 56 -15.18 3.72 -13.86
CA ALA B 56 -16.52 3.15 -13.69
C ALA B 56 -16.56 1.71 -14.20
N LEU B 57 -15.61 0.91 -13.72
CA LEU B 57 -15.53 -0.50 -14.10
C LEU B 57 -16.43 -1.35 -13.17
N ASP B 58 -17.15 -2.28 -13.77
CA ASP B 58 -18.06 -3.13 -13.00
C ASP B 58 -17.31 -4.22 -12.25
N GLU B 59 -16.13 -4.54 -12.73
CA GLU B 59 -15.36 -5.68 -12.23
C GLU B 59 -13.91 -5.56 -12.68
N VAL B 60 -12.97 -6.04 -11.88
CA VAL B 60 -11.57 -6.14 -12.33
C VAL B 60 -11.13 -7.59 -12.25
N ILE B 61 -10.70 -8.11 -13.39
CA ILE B 61 -10.20 -9.48 -13.51
C ILE B 61 -8.67 -9.49 -13.46
N PHE B 62 -8.11 -10.06 -12.40
CA PHE B 62 -6.65 -10.16 -12.26
C PHE B 62 -6.19 -11.34 -13.07
N VAL B 63 -5.16 -11.14 -13.88
CA VAL B 63 -4.63 -12.22 -14.72
C VAL B 63 -3.14 -12.37 -14.46
N PRO B 64 -2.76 -13.29 -13.56
CA PRO B 64 -1.34 -13.57 -13.34
C PRO B 64 -0.71 -14.12 -14.61
N THR B 65 0.48 -13.64 -14.95
CA THR B 65 1.21 -14.16 -16.11
C THR B 65 1.50 -15.65 -15.97
N GLY B 66 1.40 -16.39 -17.07
CA GLY B 66 1.78 -17.79 -17.04
C GLY B 66 3.28 -17.95 -17.10
N GLN B 67 3.87 -17.45 -18.18
CA GLN B 67 5.30 -17.54 -18.37
C GLN B 67 5.78 -16.16 -18.76
N PRO B 68 6.15 -15.34 -17.76
CA PRO B 68 6.61 -13.98 -18.07
C PRO B 68 7.91 -14.01 -18.84
N TRP B 69 8.20 -12.90 -19.51
CA TRP B 69 9.43 -12.79 -20.28
C TRP B 69 10.63 -12.94 -19.35
N GLN B 70 11.62 -13.71 -19.79
CA GLN B 70 12.78 -14.00 -18.97
C GLN B 70 13.66 -12.77 -18.83
N LYS B 71 13.95 -12.40 -17.59
CA LYS B 71 14.83 -11.26 -17.32
C LYS B 71 16.14 -11.74 -16.71
N GLN B 72 17.18 -10.94 -16.89
CA GLN B 72 18.54 -11.29 -16.47
C GLN B 72 18.62 -11.70 -15.00
N ARG B 74 17.03 -13.89 -12.76
CA ARG B 74 15.76 -13.79 -12.05
C ARG B 74 14.91 -15.05 -12.23
N LYS B 75 14.56 -15.69 -11.12
CA LYS B 75 13.81 -16.94 -11.15
C LYS B 75 12.42 -16.76 -10.54
N VAL B 76 11.41 -16.67 -11.40
CA VAL B 76 10.04 -16.40 -11.01
C VAL B 76 9.44 -17.62 -10.30
N SER B 77 8.64 -17.35 -9.27
CA SER B 77 7.94 -18.42 -8.55
C SER B 77 7.05 -19.18 -9.51
N PRO B 78 6.87 -20.49 -9.28
CA PRO B 78 5.91 -21.27 -10.07
C PRO B 78 4.55 -20.56 -10.20
N ALA B 79 3.98 -20.63 -11.39
CA ALA B 79 2.72 -19.95 -11.67
C ALA B 79 1.60 -20.32 -10.71
N GLU B 80 1.53 -21.58 -10.30
CA GLU B 80 0.45 -21.94 -9.38
C GLU B 80 0.55 -21.19 -8.04
N HIS B 81 1.77 -20.96 -7.56
CA HIS B 81 1.93 -20.16 -6.33
C HIS B 81 1.46 -18.71 -6.55
N ARG B 82 1.82 -18.12 -7.68
CA ARG B 82 1.44 -16.74 -7.92
C ARG B 82 -0.08 -16.62 -8.11
N TYR B 83 -0.68 -17.61 -8.76
CA TYR B 83 -2.14 -17.66 -8.89
C TYR B 83 -2.84 -17.71 -7.54
N LEU B 84 -2.42 -18.63 -6.68
CA LEU B 84 -3.03 -18.73 -5.35
C LEU B 84 -2.82 -17.47 -4.53
N MET B 85 -1.65 -16.85 -4.59
CA MET B 85 -1.47 -15.63 -3.81
C MET B 85 -2.45 -14.55 -4.31
N THR B 86 -2.62 -14.45 -5.63
CA THR B 86 -3.55 -13.48 -6.19
C THR B 86 -5.01 -13.76 -5.77
N VAL B 87 -5.39 -15.02 -5.72
CA VAL B 87 -6.73 -15.39 -5.25
C VAL B 87 -6.88 -14.99 -3.79
N ILE B 88 -5.87 -15.29 -2.98
CA ILE B 88 -5.92 -14.98 -1.54
C ILE B 88 -6.10 -13.48 -1.34
N ALA B 89 -5.35 -12.72 -2.13
CA ALA B 89 -5.32 -11.27 -1.99
C ALA B 89 -6.63 -10.59 -2.40
N THR B 90 -7.29 -11.15 -3.42
CA THR B 90 -8.48 -10.53 -4.02
C THR B 90 -9.81 -11.09 -3.51
N ALA B 91 -9.75 -12.17 -2.74
CA ALA B 91 -10.96 -12.88 -2.34
C ALA B 91 -12.02 -11.96 -1.71
N SER B 92 -11.60 -11.08 -0.81
CA SER B 92 -12.57 -10.31 -0.04
C SER B 92 -13.24 -9.17 -0.82
N ASN B 93 -12.76 -8.88 -2.04
CA ASN B 93 -13.38 -7.82 -2.86
C ASN B 93 -14.44 -8.38 -3.81
N PRO B 94 -15.72 -7.97 -3.63
CA PRO B 94 -16.84 -8.43 -4.47
C PRO B 94 -16.65 -8.12 -5.95
N ARG B 95 -15.81 -7.15 -6.25
CA ARG B 95 -15.65 -6.70 -7.63
C ARG B 95 -14.33 -7.13 -8.26
N PHE B 96 -13.55 -7.93 -7.54
CA PHE B 96 -12.32 -8.52 -8.10
C PHE B 96 -12.49 -10.01 -8.30
N THR B 97 -11.94 -10.55 -9.38
CA THR B 97 -11.85 -11.99 -9.59
CA THR B 97 -11.81 -11.99 -9.52
C THR B 97 -10.49 -12.31 -10.20
N VAL B 98 -10.17 -13.59 -10.35
CA VAL B 98 -8.89 -13.99 -10.92
C VAL B 98 -9.10 -14.95 -12.07
N SER B 99 -8.41 -14.72 -13.18
CA SER B 99 -8.47 -15.61 -14.35
C SER B 99 -7.18 -16.41 -14.52
N ARG B 100 -7.33 -17.67 -14.93
CA ARG B 100 -6.21 -18.53 -15.27
C ARG B 100 -5.82 -18.44 -16.75
N ALA B 101 -6.33 -17.43 -17.46
CA ALA B 101 -6.18 -17.41 -18.92
C ALA B 101 -4.73 -17.52 -19.39
N ASP B 102 -3.83 -16.79 -18.74
CA ASP B 102 -2.42 -16.82 -19.13
C ASP B 102 -1.70 -18.05 -18.58
N ILE B 103 -2.06 -18.45 -17.37
CA ILE B 103 -1.44 -19.60 -16.73
C ILE B 103 -1.72 -20.89 -17.50
N ASP B 104 -2.90 -21.01 -18.08
N ASP B 104 -2.93 -20.94 -18.07
CA ASP B 104 -3.19 -22.27 -18.77
CA ASP B 104 -3.42 -22.11 -18.83
C ASP B 104 -2.61 -22.32 -20.17
C ASP B 104 -3.31 -21.90 -20.34
N ARG B 105 -2.30 -21.16 -20.74
CA ARG B 105 -1.90 -21.07 -22.13
C ARG B 105 -0.41 -21.39 -22.23
N GLY B 106 -0.05 -22.36 -23.06
CA GLY B 106 1.34 -22.74 -23.20
C GLY B 106 2.17 -21.64 -23.83
N GLY B 107 3.46 -21.61 -23.52
CA GLY B 107 4.38 -20.65 -24.12
C GLY B 107 4.46 -19.33 -23.36
N ALA B 108 5.29 -18.42 -23.85
CA ALA B 108 5.44 -17.12 -23.20
C ALA B 108 4.12 -16.37 -23.26
N THR B 109 3.86 -15.55 -22.24
CA THR B 109 2.62 -14.80 -22.18
C THR B 109 2.69 -13.51 -23.00
N TYR B 110 1.71 -13.34 -23.90
CA TYR B 110 1.57 -12.13 -24.71
C TYR B 110 0.17 -11.53 -24.53
N THR B 111 0.08 -10.20 -24.46
CA THR B 111 -1.17 -9.52 -24.11
C THR B 111 -2.26 -9.58 -25.19
N VAL B 112 -1.88 -9.69 -26.46
CA VAL B 112 -2.87 -9.92 -27.52
C VAL B 112 -3.63 -11.21 -27.24
N ASP B 113 -2.92 -12.22 -26.75
CA ASP B 113 -3.53 -13.50 -26.45
C ASP B 113 -4.43 -13.39 -25.22
N THR B 114 -3.94 -12.66 -24.21
CA THR B 114 -4.71 -12.44 -22.99
C THR B 114 -6.06 -11.83 -23.34
N LEU B 115 -6.04 -10.80 -24.19
CA LEU B 115 -7.25 -10.06 -24.51
C LEU B 115 -8.18 -10.80 -25.47
N THR B 116 -7.60 -11.61 -26.35
CA THR B 116 -8.40 -12.45 -27.24
C THR B 116 -9.22 -13.45 -26.42
N ASP B 117 -8.56 -14.07 -25.44
CA ASP B 117 -9.22 -15.01 -24.54
C ASP B 117 -10.33 -14.34 -23.74
N LEU B 118 -10.07 -13.15 -23.20
CA LEU B 118 -11.07 -12.48 -22.39
CA LEU B 118 -11.04 -12.42 -22.39
C LEU B 118 -12.21 -11.92 -23.24
N ARG B 119 -11.92 -11.53 -24.48
CA ARG B 119 -12.96 -11.09 -25.41
C ARG B 119 -13.91 -12.24 -25.73
N THR B 120 -13.33 -13.43 -25.85
CA THR B 120 -14.09 -14.64 -26.09
C THR B 120 -15.02 -14.96 -24.93
N ALA B 121 -14.50 -14.84 -23.71
CA ALA B 121 -15.26 -15.17 -22.50
C ALA B 121 -16.23 -14.07 -22.10
N HIS B 122 -16.04 -12.88 -22.67
CA HIS B 122 -16.92 -11.74 -22.41
C HIS B 122 -17.16 -10.93 -23.68
N PRO B 123 -17.92 -11.49 -24.64
CA PRO B 123 -18.03 -10.88 -25.97
C PRO B 123 -18.79 -9.55 -26.00
N ASP B 124 -19.61 -9.28 -24.99
CA ASP B 124 -20.41 -8.06 -24.97
C ASP B 124 -19.89 -7.03 -23.97
N ALA B 125 -18.62 -7.16 -23.58
CA ALA B 125 -18.04 -6.26 -22.59
C ALA B 125 -17.02 -5.31 -23.22
N ASP B 126 -16.90 -4.13 -22.64
CA ASP B 126 -15.81 -3.21 -22.97
C ASP B 126 -14.63 -3.49 -22.05
N LEU B 127 -13.48 -3.83 -22.63
CA LEU B 127 -12.31 -4.24 -21.85
C LEU B 127 -11.31 -3.11 -21.64
N TYR B 128 -10.81 -3.00 -20.42
CA TYR B 128 -9.73 -2.06 -20.09
C TYR B 128 -8.55 -2.82 -19.51
N PHE B 129 -7.47 -2.95 -20.27
CA PHE B 129 -6.27 -3.64 -19.79
C PHE B 129 -5.41 -2.72 -18.93
N ILE B 130 -5.11 -3.17 -17.71
CA ILE B 130 -4.39 -2.38 -16.73
C ILE B 130 -3.07 -3.05 -16.37
N THR B 131 -1.96 -2.32 -16.48
CA THR B 131 -0.70 -2.86 -15.99
C THR B 131 0.28 -1.72 -15.72
N GLY B 132 1.47 -2.07 -15.22
CA GLY B 132 2.51 -1.08 -14.98
C GLY B 132 2.88 -0.35 -16.25
N ALA B 133 3.12 0.95 -16.14
CA ALA B 133 3.47 1.77 -17.30
C ALA B 133 4.62 1.19 -18.11
N ASP B 134 5.62 0.64 -17.43
CA ASP B 134 6.80 0.10 -18.13
C ASP B 134 6.45 -1.14 -18.93
N ALA B 135 5.59 -1.99 -18.39
CA ALA B 135 5.16 -3.19 -19.10
C ALA B 135 4.32 -2.83 -20.33
N LEU B 136 3.49 -1.81 -20.19
CA LEU B 136 2.62 -1.35 -21.28
C LEU B 136 3.45 -0.83 -22.45
N ALA B 137 4.59 -0.21 -22.15
CA ALA B 137 5.51 0.22 -23.18
C ALA B 137 6.04 -0.99 -23.97
N SER B 138 6.39 -2.05 -23.25
CA SER B 138 6.89 -3.27 -23.87
C SER B 138 5.81 -3.92 -24.75
N ILE B 139 4.58 -3.97 -24.25
CA ILE B 139 3.44 -4.49 -25.00
C ILE B 139 3.29 -3.76 -26.34
N LEU B 140 3.32 -2.44 -26.29
CA LEU B 140 3.11 -1.62 -27.47
C LEU B 140 4.28 -1.67 -28.46
N SER B 141 5.46 -2.05 -27.98
CA SER B 141 6.63 -2.09 -28.85
C SER B 141 6.77 -3.42 -29.59
N TRP B 142 6.14 -4.47 -29.06
CA TRP B 142 6.32 -5.82 -29.60
C TRP B 142 5.05 -6.37 -30.27
N GLU B 143 3.90 -6.12 -29.66
CA GLU B 143 2.66 -6.73 -30.10
C GLU B 143 1.90 -5.87 -31.11
N ASN B 144 0.99 -6.50 -31.84
CA ASN B 144 0.28 -5.84 -32.95
C ASN B 144 -0.79 -4.86 -32.50
N TRP B 145 -0.66 -3.60 -32.90
CA TRP B 145 -1.59 -2.54 -32.49
C TRP B 145 -3.01 -2.73 -33.01
N GLU B 146 -3.13 -3.20 -34.25
CA GLU B 146 -4.45 -3.39 -34.86
C GLU B 146 -5.30 -4.32 -33.99
N GLN B 147 -4.69 -5.40 -33.53
CA GLN B 147 -5.38 -6.33 -32.66
C GLN B 147 -5.59 -5.73 -31.25
N LEU B 148 -4.55 -5.13 -30.69
CA LEU B 148 -4.62 -4.61 -29.33
C LEU B 148 -5.74 -3.59 -29.13
N PHE B 149 -5.84 -2.62 -30.04
CA PHE B 149 -6.81 -1.53 -29.85
C PHE B 149 -8.18 -1.84 -30.44
N THR B 150 -8.29 -2.97 -31.13
CA THR B 150 -9.59 -3.50 -31.52
C THR B 150 -10.18 -4.22 -30.31
N LEU B 151 -9.31 -4.84 -29.52
CA LEU B 151 -9.73 -5.63 -28.37
C LEU B 151 -10.05 -4.83 -27.12
N ALA B 152 -9.28 -3.77 -26.86
CA ALA B 152 -9.41 -3.09 -25.57
C ALA B 152 -8.87 -1.66 -25.58
N LYS B 153 -9.20 -0.94 -24.51
CA LYS B 153 -8.51 0.30 -24.19
C LYS B 153 -7.46 -0.04 -23.12
N PHE B 154 -6.48 0.85 -22.93
CA PHE B 154 -5.37 0.52 -22.05
C PHE B 154 -5.16 1.59 -20.98
N ILE B 155 -4.79 1.13 -19.79
CA ILE B 155 -4.52 2.01 -18.66
C ILE B 155 -3.15 1.66 -18.09
N GLY B 156 -2.22 2.60 -18.14
CA GLY B 156 -0.93 2.37 -17.51
C GLY B 156 -0.84 3.02 -16.14
N VAL B 157 -0.50 2.23 -15.12
CA VAL B 157 -0.38 2.78 -13.77
C VAL B 157 1.09 2.88 -13.35
N SER B 158 1.42 3.95 -12.63
CA SER B 158 2.81 4.23 -12.31
C SER B 158 2.98 4.74 -10.88
N ARG B 159 4.16 4.55 -10.32
CA ARG B 159 4.47 4.96 -8.95
C ARG B 159 5.01 6.38 -8.94
N PRO B 160 5.03 7.03 -7.76
CA PRO B 160 5.66 8.35 -7.63
C PRO B 160 7.09 8.39 -8.11
N GLY B 161 7.44 9.40 -8.89
CA GLY B 161 8.81 9.59 -9.31
C GLY B 161 9.12 8.97 -10.65
N TYR B 162 8.29 8.02 -11.05
CA TYR B 162 8.41 7.42 -12.38
C TYR B 162 7.97 8.44 -13.41
N GLU B 163 8.87 8.81 -14.31
CA GLU B 163 8.61 9.89 -15.25
C GLU B 163 8.46 9.41 -16.69
N LEU B 164 7.25 8.99 -17.05
CA LEU B 164 6.97 8.63 -18.44
C LEU B 164 5.83 9.45 -19.02
N SER B 165 6.08 9.99 -20.21
CA SER B 165 5.05 10.68 -20.97
C SER B 165 4.29 9.68 -21.83
N SER B 166 3.05 9.99 -22.17
CA SER B 166 2.30 9.18 -23.12
C SER B 166 2.97 9.20 -24.49
N ASP B 167 3.70 10.27 -24.79
CA ASP B 167 4.48 10.35 -26.03
C ASP B 167 5.56 9.27 -26.05
N HIS B 168 6.12 8.97 -24.89
CA HIS B 168 7.28 8.09 -24.79
C HIS B 168 6.92 6.62 -24.61
N ILE B 169 5.67 6.36 -24.25
CA ILE B 169 5.22 4.99 -24.01
C ILE B 169 5.01 4.27 -25.33
N ALA B 170 4.95 5.04 -26.41
CA ALA B 170 4.80 4.47 -27.75
C ALA B 170 5.70 5.21 -28.73
N HIS B 171 5.94 4.61 -29.89
CA HIS B 171 6.79 5.22 -30.89
C HIS B 171 5.96 5.97 -31.93
N ALA B 172 4.63 5.95 -31.75
CA ALA B 172 3.73 6.60 -32.69
C ALA B 172 2.43 7.07 -32.00
N GLU B 173 1.60 7.81 -32.73
CA GLU B 173 0.32 8.28 -32.21
C GLU B 173 -0.61 7.12 -31.90
N LEU B 174 -1.23 7.16 -30.74
CA LEU B 174 -2.15 6.10 -30.32
C LEU B 174 -3.58 6.42 -30.75
N PRO B 175 -4.38 5.37 -31.03
CA PRO B 175 -5.81 5.53 -31.35
C PRO B 175 -6.53 6.36 -30.30
N PRO B 176 -7.55 7.14 -30.71
CA PRO B 176 -8.24 8.18 -29.93
C PRO B 176 -8.21 8.02 -28.40
N ASP B 177 -9.22 7.40 -27.81
CA ASP B 177 -9.26 7.25 -26.36
C ASP B 177 -8.68 5.90 -25.92
N GLY B 178 -7.63 5.46 -26.63
CA GLY B 178 -7.07 4.14 -26.45
C GLY B 178 -6.12 3.94 -25.28
N LEU B 179 -5.57 5.03 -24.76
CA LEU B 179 -4.61 4.91 -23.66
C LEU B 179 -4.74 6.02 -22.62
N SER B 180 -4.81 5.63 -21.35
CA SER B 180 -4.80 6.54 -20.22
C SER B 180 -3.68 6.17 -19.26
N LEU B 181 -3.11 7.17 -18.61
CA LEU B 181 -2.05 6.96 -17.62
C LEU B 181 -2.48 7.49 -16.25
N VAL B 182 -2.27 6.66 -15.22
CA VAL B 182 -2.74 6.96 -13.86
C VAL B 182 -1.64 6.75 -12.85
N GLU B 183 -1.30 7.80 -12.10
CA GLU B 183 -0.31 7.68 -11.04
C GLU B 183 -0.95 7.14 -9.77
N VAL B 184 -0.33 6.15 -9.15
CA VAL B 184 -0.86 5.56 -7.92
C VAL B 184 0.23 5.58 -6.86
N PRO B 185 0.11 6.48 -5.87
CA PRO B 185 1.15 6.58 -4.84
C PRO B 185 1.54 5.25 -4.18
N ALA B 186 0.58 4.37 -3.91
CA ALA B 186 0.89 3.12 -3.24
C ALA B 186 1.77 2.18 -4.07
N LEU B 187 1.92 2.45 -5.37
CA LEU B 187 2.81 1.63 -6.18
C LEU B 187 4.29 1.91 -5.87
N ALA B 188 4.57 2.80 -4.92
CA ALA B 188 5.94 2.87 -4.35
C ALA B 188 6.33 1.49 -3.78
N ILE B 189 5.34 0.71 -3.35
CA ILE B 189 5.58 -0.66 -2.91
C ILE B 189 5.84 -1.51 -4.15
N SER B 190 6.95 -2.25 -4.19
CA SER B 190 7.27 -3.09 -5.35
C SER B 190 7.43 -4.57 -4.97
N SER B 191 7.13 -5.47 -5.91
CA SER B 191 7.26 -6.88 -5.62
C SER B 191 8.74 -7.23 -5.41
N THR B 192 9.62 -6.53 -6.13
CA THR B 192 11.05 -6.79 -5.97
C THR B 192 11.51 -6.50 -4.54
N ASP B 193 11.09 -5.36 -3.99
CA ASP B 193 11.46 -5.02 -2.63
C ASP B 193 10.91 -6.09 -1.65
N CYS B 194 9.69 -6.56 -1.91
CA CYS B 194 9.09 -7.58 -1.05
C CYS B 194 9.92 -8.87 -1.07
N ARG B 195 10.35 -9.28 -2.27
CA ARG B 195 11.17 -10.49 -2.38
C ARG B 195 12.52 -10.37 -1.68
N ILE B 196 13.17 -9.22 -1.82
CA ILE B 196 14.47 -9.05 -1.18
C ILE B 196 14.33 -9.07 0.33
N ARG B 197 13.36 -8.33 0.86
CA ARG B 197 13.09 -8.33 2.30
C ARG B 197 12.84 -9.74 2.82
N ALA B 198 11.99 -10.50 2.12
CA ALA B 198 11.72 -11.87 2.55
C ALA B 198 13.01 -12.71 2.57
N GLY B 199 13.84 -12.55 1.54
CA GLY B 199 15.12 -13.23 1.51
C GLY B 199 16.05 -12.87 2.66
N GLN B 200 15.91 -11.64 3.17
CA GLN B 200 16.75 -11.13 4.27
C GLN B 200 16.11 -11.37 5.64
N ALA B 201 15.00 -12.12 5.66
CA ALA B 201 14.21 -12.35 6.87
C ALA B 201 13.79 -11.04 7.52
N ARG B 202 13.45 -10.06 6.69
CA ARG B 202 12.87 -8.81 7.14
C ARG B 202 11.35 -8.86 6.89
N PRO B 203 10.55 -8.20 7.76
CA PRO B 203 9.09 -8.33 7.67
C PRO B 203 8.47 -7.77 6.38
N ILE B 204 7.45 -8.42 5.86
CA ILE B 204 6.66 -7.86 4.77
C ILE B 204 5.19 -7.65 5.16
N TRP B 205 4.88 -7.78 6.46
CA TRP B 205 3.58 -7.34 6.99
C TRP B 205 3.24 -5.93 6.49
N TYR B 206 1.98 -5.76 6.09
CA TYR B 206 1.34 -4.50 5.67
C TYR B 206 1.73 -4.07 4.25
N LEU B 207 2.88 -4.54 3.77
CA LEU B 207 3.27 -4.36 2.37
C LEU B 207 2.42 -5.27 1.51
N VAL B 208 2.18 -6.45 2.06
CA VAL B 208 1.60 -7.56 1.36
C VAL B 208 0.41 -7.99 2.21
N PRO B 209 -0.73 -8.35 1.56
CA PRO B 209 -1.93 -8.69 2.32
C PRO B 209 -1.72 -9.84 3.29
N ASP B 210 -2.49 -9.79 4.37
CA ASP B 210 -2.61 -10.91 5.24
C ASP B 210 -3.01 -12.12 4.41
N GLY B 211 -2.53 -13.28 4.82
CA GLY B 211 -2.81 -14.49 4.07
C GLY B 211 -1.66 -14.71 3.13
N VAL B 212 -1.36 -13.70 2.31
CA VAL B 212 -0.24 -13.79 1.38
C VAL B 212 1.09 -13.81 2.14
N VAL B 213 1.23 -12.99 3.18
CA VAL B 213 2.46 -13.01 4.00
C VAL B 213 2.75 -14.41 4.51
N GLN B 214 1.74 -15.04 5.09
CA GLN B 214 1.94 -16.36 5.68
C GLN B 214 2.15 -17.44 4.59
N TYR B 215 1.50 -17.26 3.45
CA TYR B 215 1.68 -18.19 2.33
C TYR B 215 3.12 -18.15 1.84
N VAL B 216 3.67 -16.95 1.67
CA VAL B 216 5.05 -16.76 1.25
C VAL B 216 6.01 -17.50 2.17
N ALA B 217 5.78 -17.33 3.48
CA ALA B 217 6.67 -17.86 4.47
C ALA B 217 6.58 -19.38 4.55
N LYS B 218 5.37 -19.93 4.54
CA LYS B 218 5.29 -21.36 4.82
C LYS B 218 5.71 -22.16 3.60
N HIS B 219 5.66 -21.54 2.42
CA HIS B 219 6.15 -22.17 1.20
C HIS B 219 7.58 -21.75 0.84
N ARG B 220 8.19 -20.92 1.69
CA ARG B 220 9.58 -20.51 1.53
C ARG B 220 9.90 -19.97 0.13
N LEU B 221 9.00 -19.17 -0.42
CA LEU B 221 9.12 -18.78 -1.82
C LEU B 221 10.38 -17.96 -2.11
N TYR B 222 10.77 -17.11 -1.17
CA TYR B 222 11.93 -16.24 -1.41
C TYR B 222 13.05 -16.47 -0.40
N SER B 223 12.81 -17.33 0.57
CA SER B 223 13.80 -17.64 1.58
C SER B 223 14.59 -18.86 1.14
N GLY B 224 15.31 -18.70 0.03
CA GLY B 224 16.17 -19.74 -0.50
C GLY B 224 17.35 -19.11 -1.20
#